data_5T6J
#
_entry.id   5T6J
#
_cell.length_a   85.889
_cell.length_b   85.889
_cell.length_c   95.003
_cell.angle_alpha   90.00
_cell.angle_beta   90.00
_cell.angle_gamma   90.00
#
_symmetry.space_group_name_H-M   'I 41 2 2'
#
loop_
_entity.id
_entity.type
_entity.pdbx_description
1 polymer 'Kinetochore protein SPC24'
2 polymer 'Kinetochore protein SPC25'
3 polymer 'Kinetochore-associated protein DSN1'
4 water water
#
loop_
_entity_poly.entity_id
_entity_poly.type
_entity_poly.pdbx_seq_one_letter_code
_entity_poly.pdbx_strand_id
1 'polypeptide(L)' ANENILKLKLYRSLGVILDLENDQVLINRKNDGNIDILPLDNNLSDFYKTKYIWERLGK A
2 'polypeptide(L)'
;SNANDAAEVALYERLLQLRVLPGASDVHDVRFVFGDDSRCWIEVAMHGDHVIGNSHPALDPKSRATLEHVLTVQGDLAAF
LVVARDMLLASL
;
B
3 'polypeptide(L)' QQLLKGLSLSFSK C
#
# COMPACT_ATOMS: atom_id res chain seq x y z
N ALA A 1 2.57 2.19 18.72
CA ALA A 1 2.73 1.34 17.54
C ALA A 1 1.53 0.42 17.37
N ASN A 2 0.43 0.72 18.08
CA ASN A 2 -0.80 -0.03 17.92
C ASN A 2 -1.28 0.00 16.47
N GLU A 3 -0.86 1.02 15.72
CA GLU A 3 -1.18 1.10 14.29
C GLU A 3 -0.57 -0.03 13.49
N ASN A 4 0.41 -0.75 14.05
CA ASN A 4 1.09 -1.75 13.26
C ASN A 4 0.18 -2.93 12.90
N ILE A 5 -0.75 -3.30 13.78
CA ILE A 5 -1.72 -4.33 13.44
C ILE A 5 -2.50 -3.94 12.19
N LEU A 6 -3.00 -2.70 12.16
CA LEU A 6 -3.78 -2.24 11.02
C LEU A 6 -2.94 -2.17 9.76
N LYS A 7 -1.68 -1.76 9.88
CA LYS A 7 -0.80 -1.75 8.71
C LYS A 7 -0.63 -3.14 8.15
N LEU A 8 -0.47 -4.14 9.03
CA LEU A 8 -0.28 -5.51 8.56
C LEU A 8 -1.54 -6.01 7.86
N LYS A 9 -2.71 -5.62 8.35
CA LYS A 9 -3.95 -6.00 7.67
C LYS A 9 -4.02 -5.37 6.29
N LEU A 10 -3.68 -4.08 6.20
CA LEU A 10 -3.64 -3.42 4.91
C LEU A 10 -2.70 -4.14 3.95
N TYR A 11 -1.48 -4.42 4.40
CA TYR A 11 -0.54 -5.12 3.55
C TYR A 11 -1.09 -6.48 3.12
N ARG A 12 -1.63 -7.26 4.07
CA ARG A 12 -2.20 -8.57 3.73
C ARG A 12 -3.40 -8.44 2.80
N SER A 13 -4.13 -7.34 2.91
CA SER A 13 -5.26 -7.14 2.00
C SER A 13 -4.81 -6.95 0.57
N LEU A 14 -3.54 -6.58 0.35
CA LEU A 14 -2.98 -6.54 -1.00
C LEU A 14 -2.71 -7.94 -1.54
N GLY A 15 -2.74 -8.96 -0.70
CA GLY A 15 -2.42 -10.31 -1.10
C GLY A 15 -0.96 -10.68 -0.98
N VAL A 16 -0.16 -9.87 -0.30
CA VAL A 16 1.26 -10.15 -0.11
C VAL A 16 1.40 -10.76 1.29
N ILE A 17 1.92 -11.98 1.34
CA ILE A 17 2.01 -12.75 2.58
C ILE A 17 3.47 -13.03 2.90
N LEU A 18 3.97 -12.45 4.00
CA LEU A 18 5.29 -12.86 4.47
C LEU A 18 5.24 -14.32 4.88
N ASP A 19 6.26 -15.08 4.48
CA ASP A 19 6.32 -16.51 4.79
C ASP A 19 7.77 -16.81 5.18
N LEU A 20 8.19 -16.23 6.31
CA LEU A 20 9.60 -16.24 6.67
C LEU A 20 10.08 -17.61 7.14
N GLU A 21 9.20 -18.46 7.69
CA GLU A 21 9.60 -19.83 7.98
C GLU A 21 10.22 -20.51 6.75
N ASN A 22 9.85 -20.05 5.56
CA ASN A 22 10.39 -20.57 4.31
C ASN A 22 11.24 -19.54 3.59
N ASP A 23 11.54 -18.41 4.25
CA ASP A 23 12.37 -17.36 3.69
C ASP A 23 11.86 -16.95 2.31
N GLN A 24 10.58 -16.58 2.25
CA GLN A 24 9.96 -16.18 0.99
C GLN A 24 8.76 -15.29 1.25
N VAL A 25 8.27 -14.67 0.17
CA VAL A 25 7.05 -13.89 0.17
C VAL A 25 6.09 -14.51 -0.84
N LEU A 26 4.83 -14.65 -0.44
CA LEU A 26 3.79 -15.17 -1.32
C LEU A 26 2.93 -14.03 -1.82
N ILE A 27 2.47 -14.15 -3.07
CA ILE A 27 1.61 -13.15 -3.70
C ILE A 27 0.36 -13.86 -4.19
N ASN A 28 -0.78 -13.51 -3.61
CA ASN A 28 -2.09 -14.11 -3.95
C ASN A 28 -2.95 -13.01 -4.56
N ARG A 29 -2.84 -12.80 -5.87
CA ARG A 29 -3.61 -11.74 -6.51
C ARG A 29 -5.01 -12.18 -6.95
N LYS A 30 -5.19 -13.46 -7.31
CA LYS A 30 -6.46 -13.90 -7.86
C LYS A 30 -7.31 -14.75 -6.92
N ASN A 31 -6.73 -15.29 -5.84
CA ASN A 31 -7.48 -16.21 -4.97
C ASN A 31 -8.01 -17.40 -5.76
N ASP A 32 -7.28 -17.81 -6.78
CA ASP A 32 -7.68 -18.88 -7.69
C ASP A 32 -6.95 -20.18 -7.42
N GLY A 33 -6.17 -20.25 -6.34
CA GLY A 33 -5.36 -21.43 -6.08
C GLY A 33 -3.97 -21.37 -6.69
N ASN A 34 -3.61 -20.29 -7.37
CA ASN A 34 -2.24 -20.07 -7.82
C ASN A 34 -1.58 -18.95 -7.03
N ILE A 35 -0.31 -19.15 -6.72
CA ILE A 35 0.50 -18.19 -5.99
C ILE A 35 1.75 -17.89 -6.78
N ASP A 36 2.26 -16.68 -6.62
CA ASP A 36 3.64 -16.34 -6.97
C ASP A 36 4.48 -16.44 -5.71
N ILE A 37 5.63 -17.09 -5.82
CA ILE A 37 6.55 -17.21 -4.69
C ILE A 37 7.81 -16.42 -5.00
N LEU A 38 8.14 -15.48 -4.12
CA LEU A 38 9.34 -14.66 -4.25
C LEU A 38 10.32 -15.07 -3.17
N PRO A 39 11.41 -15.76 -3.49
CA PRO A 39 12.39 -16.08 -2.46
C PRO A 39 13.11 -14.82 -2.00
N LEU A 40 13.50 -14.83 -0.72
CA LEU A 40 14.35 -13.79 -0.19
C LEU A 40 15.80 -14.23 -0.05
N ASP A 41 16.06 -15.54 -0.02
CA ASP A 41 17.40 -16.10 0.06
C ASP A 41 17.99 -16.14 -1.35
N ASN A 42 18.52 -14.99 -1.77
CA ASN A 42 19.08 -14.83 -3.10
C ASN A 42 19.86 -13.53 -3.11
N ASN A 43 20.40 -13.18 -4.28
CA ASN A 43 21.10 -11.91 -4.43
C ASN A 43 20.28 -10.89 -5.22
N LEU A 44 18.95 -11.00 -5.19
CA LEU A 44 18.11 -10.03 -5.89
C LEU A 44 18.12 -8.71 -5.13
N SER A 45 18.24 -7.62 -5.86
CA SER A 45 18.24 -6.30 -5.26
C SER A 45 16.87 -5.97 -4.68
N ASP A 46 16.87 -4.98 -3.76
CA ASP A 46 15.60 -4.50 -3.23
C ASP A 46 14.75 -3.90 -4.34
N PHE A 47 15.39 -3.14 -5.24
CA PHE A 47 14.67 -2.54 -6.36
C PHE A 47 13.99 -3.62 -7.21
N TYR A 48 14.71 -4.71 -7.51
CA TYR A 48 14.14 -5.76 -8.34
C TYR A 48 12.97 -6.44 -7.64
N LYS A 49 13.11 -6.71 -6.33
CA LYS A 49 12.02 -7.35 -5.60
C LYS A 49 10.78 -6.46 -5.56
N THR A 50 10.96 -5.16 -5.32
CA THR A 50 9.85 -4.22 -5.32
C THR A 50 9.17 -4.15 -6.68
N LYS A 51 9.96 -4.03 -7.75
CA LYS A 51 9.41 -4.00 -9.10
C LYS A 51 8.62 -5.27 -9.39
N TYR A 52 9.15 -6.42 -8.99
CA TYR A 52 8.46 -7.68 -9.24
C TYR A 52 7.11 -7.74 -8.53
N ILE A 53 7.10 -7.39 -7.24
CA ILE A 53 5.87 -7.51 -6.47
C ILE A 53 4.78 -6.66 -7.09
N TRP A 54 5.09 -5.39 -7.41
CA TRP A 54 4.08 -4.51 -8.00
C TRP A 54 3.68 -4.98 -9.40
N GLU A 55 4.62 -5.53 -10.17
CA GLU A 55 4.27 -6.15 -11.45
C GLU A 55 3.21 -7.24 -11.24
N ARG A 56 3.37 -8.07 -10.22
CA ARG A 56 2.42 -9.15 -10.01
C ARG A 56 1.09 -8.64 -9.46
N LEU A 57 1.13 -7.59 -8.63
CA LEU A 57 -0.11 -6.99 -8.15
C LEU A 57 -0.89 -6.28 -9.24
N GLY A 58 -0.24 -5.90 -10.33
CA GLY A 58 -0.90 -5.24 -11.44
C GLY A 58 -1.52 -6.20 -12.42
N LYS A 59 -1.79 -5.70 -13.63
CA LYS A 59 -2.32 -6.52 -14.72
C LYS A 59 -1.52 -6.36 -16.01
N SER B 1 2.97 -10.57 18.66
CA SER B 1 3.55 -9.67 19.65
C SER B 1 3.84 -8.30 19.03
N ASN B 2 3.94 -7.26 19.86
CA ASN B 2 4.19 -5.93 19.33
C ASN B 2 5.54 -5.86 18.62
N ALA B 3 6.57 -6.49 19.21
CA ALA B 3 7.88 -6.57 18.56
C ALA B 3 7.79 -7.22 17.20
N ASN B 4 7.16 -8.39 17.11
CA ASN B 4 7.12 -9.06 15.80
C ASN B 4 6.32 -8.26 14.80
N ASP B 5 5.24 -7.60 15.25
CA ASP B 5 4.45 -6.79 14.34
C ASP B 5 5.27 -5.66 13.75
N ALA B 6 6.07 -5.00 14.59
CA ALA B 6 6.93 -3.93 14.12
C ALA B 6 7.93 -4.44 13.10
N ALA B 7 8.43 -5.66 13.32
CA ALA B 7 9.43 -6.21 12.40
C ALA B 7 8.80 -6.55 11.05
N GLU B 8 7.58 -7.08 11.09
CA GLU B 8 6.92 -7.43 9.84
C GLU B 8 6.53 -6.19 9.05
N VAL B 9 6.11 -5.12 9.73
CA VAL B 9 5.80 -3.87 9.05
C VAL B 9 7.03 -3.33 8.34
N ALA B 10 8.18 -3.32 9.03
CA ALA B 10 9.40 -2.83 8.41
C ALA B 10 9.75 -3.62 7.16
N LEU B 11 9.56 -4.94 7.18
CA LEU B 11 9.86 -5.72 5.98
C LEU B 11 8.88 -5.40 4.85
N TYR B 12 7.59 -5.31 5.16
CA TYR B 12 6.62 -4.90 4.14
C TYR B 12 7.02 -3.56 3.54
N GLU B 13 7.40 -2.61 4.40
CA GLU B 13 7.78 -1.29 3.91
C GLU B 13 8.96 -1.41 2.95
N ARG B 14 9.95 -2.24 3.30
CA ARG B 14 11.11 -2.41 2.43
C ARG B 14 10.75 -3.11 1.13
N LEU B 15 9.92 -4.16 1.20
CA LEU B 15 9.57 -4.95 0.03
C LEU B 15 8.67 -4.16 -0.93
N LEU B 16 7.63 -3.52 -0.41
CA LEU B 16 6.71 -2.77 -1.25
C LEU B 16 7.13 -1.32 -1.48
N GLN B 17 8.09 -0.80 -0.72
CA GLN B 17 8.39 0.63 -0.74
C GLN B 17 7.09 1.43 -0.59
N LEU B 18 6.28 0.99 0.37
CA LEU B 18 4.99 1.60 0.68
C LEU B 18 4.88 1.78 2.18
N ARG B 19 4.74 3.03 2.61
CA ARG B 19 4.57 3.37 4.01
C ARG B 19 3.22 4.04 4.20
N VAL B 20 2.61 3.76 5.34
CA VAL B 20 1.28 4.26 5.67
C VAL B 20 1.46 5.22 6.84
N LEU B 21 1.17 6.49 6.60
CA LEU B 21 1.44 7.56 7.56
C LEU B 21 0.18 8.35 7.84
N PRO B 22 0.13 9.07 8.97
CA PRO B 22 -0.95 10.03 9.17
C PRO B 22 -0.91 11.14 8.12
N GLY B 23 -2.08 11.63 7.76
CA GLY B 23 -2.17 12.65 6.72
C GLY B 23 -1.64 13.99 7.22
N ALA B 24 -0.88 14.67 6.35
CA ALA B 24 -0.21 15.91 6.74
C ALA B 24 -1.17 17.08 6.89
N SER B 25 -2.40 16.96 6.38
CA SER B 25 -3.42 18.00 6.51
C SER B 25 -4.34 17.71 7.69
N ASP B 26 -5.07 16.60 7.62
CA ASP B 26 -5.76 16.03 8.77
C ASP B 26 -5.04 14.75 9.16
N VAL B 27 -4.62 14.67 10.43
CA VAL B 27 -3.86 13.51 10.88
C VAL B 27 -4.66 12.22 10.74
N HIS B 28 -6.00 12.30 10.66
CA HIS B 28 -6.83 11.12 10.50
C HIS B 28 -7.03 10.73 9.04
N ASP B 29 -6.71 11.60 8.10
CA ASP B 29 -6.49 11.14 6.74
C ASP B 29 -5.34 10.11 6.74
N VAL B 30 -5.26 9.34 5.68
CA VAL B 30 -4.20 8.34 5.51
C VAL B 30 -3.34 8.77 4.35
N ARG B 31 -2.03 8.82 4.57
CA ARG B 31 -1.06 9.18 3.54
C ARG B 31 -0.32 7.92 3.13
N PHE B 32 -0.45 7.53 1.89
CA PHE B 32 0.36 6.47 1.32
C PHE B 32 1.59 7.08 0.66
N VAL B 33 2.77 6.63 1.09
CA VAL B 33 4.05 7.16 0.59
C VAL B 33 4.76 6.05 -0.17
N PHE B 34 5.06 6.31 -1.44
CA PHE B 34 5.71 5.34 -2.30
C PHE B 34 7.18 5.70 -2.43
N GLY B 35 8.05 4.74 -2.20
CA GLY B 35 9.45 4.98 -2.47
C GLY B 35 10.27 5.17 -1.22
N ASP B 36 11.54 4.75 -1.31
CA ASP B 36 12.60 4.99 -0.35
C ASP B 36 12.59 6.40 0.22
N ASP B 37 12.26 7.36 -0.64
CA ASP B 37 12.63 8.74 -0.44
C ASP B 37 11.41 9.66 -0.47
N SER B 38 10.21 9.12 -0.23
CA SER B 38 9.00 9.94 -0.24
C SER B 38 8.80 10.62 -1.59
N ARG B 39 9.26 9.98 -2.67
CA ARG B 39 9.19 10.61 -3.99
C ARG B 39 7.75 10.83 -4.45
N CYS B 40 6.81 9.97 -4.03
CA CYS B 40 5.42 10.05 -4.42
C CYS B 40 4.54 9.84 -3.20
N TRP B 41 3.40 10.52 -3.15
CA TRP B 41 2.44 10.20 -2.10
C TRP B 41 1.06 10.71 -2.48
N ILE B 42 0.06 10.12 -1.84
CA ILE B 42 -1.34 10.50 -2.04
C ILE B 42 -2.05 10.30 -0.72
N GLU B 43 -2.98 11.20 -0.42
CA GLU B 43 -3.74 11.17 0.81
C GLU B 43 -5.21 10.90 0.49
N VAL B 44 -5.86 10.15 1.37
CA VAL B 44 -7.28 9.84 1.23
C VAL B 44 -7.97 10.15 2.56
N ALA B 45 -9.15 10.77 2.47
CA ALA B 45 -9.99 11.02 3.62
C ALA B 45 -11.15 10.04 3.63
N MET B 46 -11.55 9.65 4.83
CA MET B 46 -12.52 8.56 4.97
C MET B 46 -13.95 9.03 4.66
N HIS B 47 -14.41 10.07 5.33
CA HIS B 47 -15.80 10.51 5.17
C HIS B 47 -15.91 12.03 5.12
N GLY B 48 -14.87 12.71 4.63
CA GLY B 48 -14.88 14.14 4.48
C GLY B 48 -15.36 14.59 3.12
N ASP B 49 -14.92 15.80 2.73
CA ASP B 49 -15.26 16.37 1.43
C ASP B 49 -14.65 15.56 0.30
N HIS B 50 -13.32 15.57 0.21
CA HIS B 50 -12.60 14.87 -0.83
C HIS B 50 -12.23 13.47 -0.35
N VAL B 51 -12.65 12.44 -1.08
CA VAL B 51 -12.12 11.10 -0.81
C VAL B 51 -10.63 11.07 -1.15
N ILE B 52 -10.29 11.42 -2.38
CA ILE B 52 -8.89 11.56 -2.79
C ILE B 52 -8.46 12.99 -2.48
N GLY B 53 -7.42 13.13 -1.65
CA GLY B 53 -6.93 14.42 -1.22
C GLY B 53 -5.76 14.89 -2.05
N ASN B 54 -4.78 15.49 -1.38
CA ASN B 54 -3.58 15.93 -2.09
C ASN B 54 -2.69 14.76 -2.47
N SER B 55 -1.76 15.04 -3.38
CA SER B 55 -0.77 14.05 -3.81
C SER B 55 0.43 14.81 -4.36
N HIS B 56 1.65 14.35 -4.03
CA HIS B 56 2.78 15.23 -4.30
C HIS B 56 2.86 15.51 -5.80
N PRO B 57 3.11 14.52 -6.67
CA PRO B 57 2.82 14.80 -8.07
C PRO B 57 1.32 14.95 -8.19
N ALA B 58 0.84 16.19 -8.25
CA ALA B 58 -0.60 16.43 -8.37
C ALA B 58 -1.12 15.65 -9.58
N LEU B 59 -2.40 15.31 -9.55
CA LEU B 59 -3.02 14.51 -10.59
C LEU B 59 -4.22 15.25 -11.17
N ASP B 60 -4.44 15.06 -12.47
CA ASP B 60 -5.52 15.73 -13.16
C ASP B 60 -6.86 15.21 -12.65
N PRO B 61 -7.96 15.91 -12.96
CA PRO B 61 -9.26 15.43 -12.47
C PRO B 61 -9.67 14.07 -13.02
N LYS B 62 -9.38 13.80 -14.30
CA LYS B 62 -9.68 12.49 -14.86
C LYS B 62 -9.03 11.38 -14.05
N SER B 63 -7.76 11.58 -13.69
CA SER B 63 -7.05 10.57 -12.92
C SER B 63 -7.62 10.45 -11.51
N ARG B 64 -7.93 11.59 -10.89
CA ARG B 64 -8.48 11.58 -9.54
C ARG B 64 -9.86 10.93 -9.54
N ALA B 65 -10.66 11.19 -10.57
CA ALA B 65 -11.97 10.56 -10.67
C ALA B 65 -11.84 9.05 -10.79
N THR B 66 -10.88 8.58 -11.58
CA THR B 66 -10.65 7.14 -11.69
C THR B 66 -10.30 6.54 -10.35
N LEU B 67 -9.41 7.20 -9.60
CA LEU B 67 -8.98 6.68 -8.30
C LEU B 67 -10.14 6.61 -7.33
N GLU B 68 -11.00 7.62 -7.31
CA GLU B 68 -12.12 7.59 -6.39
C GLU B 68 -13.03 6.41 -6.69
N HIS B 69 -13.32 6.18 -7.97
CA HIS B 69 -14.16 5.05 -8.33
C HIS B 69 -13.54 3.73 -7.90
N VAL B 70 -12.23 3.57 -8.10
CA VAL B 70 -11.59 2.33 -7.67
C VAL B 70 -11.74 2.18 -6.16
N LEU B 71 -11.64 3.28 -5.43
CA LEU B 71 -11.64 3.19 -3.98
C LEU B 71 -13.06 3.14 -3.42
N THR B 72 -13.95 4.03 -3.87
CA THR B 72 -15.29 4.07 -3.29
C THR B 72 -16.26 3.07 -3.91
N VAL B 73 -16.32 2.99 -5.24
CA VAL B 73 -17.29 2.10 -5.90
C VAL B 73 -16.80 0.67 -5.83
N GLN B 74 -15.57 0.43 -6.29
CA GLN B 74 -15.02 -0.90 -6.37
C GLN B 74 -14.59 -1.42 -4.99
N GLY B 75 -14.25 -0.51 -4.08
CA GLY B 75 -13.80 -0.90 -2.74
C GLY B 75 -12.59 -1.81 -2.74
N ASP B 76 -11.62 -1.53 -3.62
CA ASP B 76 -10.49 -2.42 -3.87
C ASP B 76 -9.21 -1.62 -3.58
N LEU B 77 -8.67 -1.79 -2.37
CA LEU B 77 -7.53 -0.97 -1.94
C LEU B 77 -6.26 -1.35 -2.71
N ALA B 78 -6.02 -2.64 -2.93
CA ALA B 78 -4.89 -3.04 -3.76
C ALA B 78 -4.97 -2.37 -5.12
N ALA B 79 -6.10 -2.53 -5.80
CA ALA B 79 -6.29 -1.89 -7.09
C ALA B 79 -6.04 -0.40 -7.00
N PHE B 80 -6.57 0.26 -5.95
CA PHE B 80 -6.36 1.69 -5.81
C PHE B 80 -4.89 2.01 -5.65
N LEU B 81 -4.21 1.26 -4.80
CA LEU B 81 -2.78 1.50 -4.58
C LEU B 81 -1.97 1.22 -5.84
N VAL B 82 -2.37 0.22 -6.63
CA VAL B 82 -1.66 -0.08 -7.87
C VAL B 82 -1.84 1.06 -8.85
N VAL B 83 -3.06 1.53 -9.06
CA VAL B 83 -3.31 2.60 -10.01
C VAL B 83 -2.66 3.89 -9.54
N ALA B 84 -2.87 4.25 -8.27
CA ALA B 84 -2.28 5.47 -7.75
C ALA B 84 -0.77 5.46 -7.92
N ARG B 85 -0.13 4.33 -7.62
CA ARG B 85 1.32 4.24 -7.73
C ARG B 85 1.76 4.47 -9.17
N ASP B 86 1.18 3.73 -10.11
CA ASP B 86 1.48 3.94 -11.54
C ASP B 86 1.27 5.39 -11.92
N MET B 87 0.11 5.96 -11.55
CA MET B 87 -0.20 7.32 -11.94
C MET B 87 0.82 8.31 -11.38
N LEU B 88 1.16 8.17 -10.10
CA LEU B 88 2.10 9.09 -9.47
C LEU B 88 3.49 8.93 -10.06
N LEU B 89 3.97 7.68 -10.16
CA LEU B 89 5.27 7.43 -10.77
C LEU B 89 5.35 8.02 -12.17
N ALA B 90 4.26 8.02 -12.93
CA ALA B 90 4.29 8.50 -14.30
C ALA B 90 4.17 10.02 -14.40
N SER B 91 3.86 10.71 -13.31
CA SER B 91 3.79 12.17 -13.29
C SER B 91 5.05 12.80 -12.74
N LEU B 92 6.03 12.00 -12.31
CA LEU B 92 7.31 12.53 -11.88
C LEU B 92 8.11 13.02 -13.08
N GLN C 1 -13.63 -0.94 2.82
CA GLN C 1 -13.47 0.41 3.35
C GLN C 1 -13.02 0.39 4.81
N GLN C 2 -13.16 -0.77 5.47
CA GLN C 2 -12.97 -0.83 6.92
C GLN C 2 -11.50 -0.79 7.32
N LEU C 3 -10.58 -1.17 6.44
CA LEU C 3 -9.17 -1.12 6.81
C LEU C 3 -8.68 0.31 6.90
N LEU C 4 -9.05 1.17 5.94
CA LEU C 4 -8.67 2.57 6.03
C LEU C 4 -9.36 3.24 7.22
N LYS C 5 -10.61 2.87 7.50
CA LYS C 5 -11.31 3.43 8.65
C LYS C 5 -10.56 3.14 9.95
N GLY C 6 -10.07 1.90 10.10
CA GLY C 6 -9.32 1.56 11.30
C GLY C 6 -8.02 2.33 11.41
N LEU C 7 -7.33 2.51 10.28
CA LEU C 7 -6.10 3.30 10.27
C LEU C 7 -6.36 4.76 10.61
N SER C 8 -7.47 5.32 10.10
CA SER C 8 -7.81 6.71 10.41
C SER C 8 -8.12 6.89 11.89
N LEU C 9 -8.89 5.96 12.47
CA LEU C 9 -9.20 6.06 13.91
C LEU C 9 -7.92 5.97 14.74
N SER C 10 -6.97 5.13 14.32
CA SER C 10 -5.71 5.00 15.05
C SER C 10 -4.84 6.24 14.90
N PHE C 11 -4.72 6.77 13.68
CA PHE C 11 -3.91 7.96 13.47
C PHE C 11 -4.51 9.19 14.17
N SER C 12 -5.83 9.26 14.30
CA SER C 12 -6.51 10.47 14.76
C SER C 12 -6.02 10.96 16.13
#